data_8V04
#
_entry.id   8V04
#
_cell.length_a   58.757
_cell.length_b   50.502
_cell.length_c   64.578
_cell.angle_alpha   90.00
_cell.angle_beta   91.60
_cell.angle_gamma   90.00
#
_symmetry.space_group_name_H-M   'P 1 21 1'
#
loop_
_entity.id
_entity.type
_entity.pdbx_description
1 polymer 'Transmembrane protease serine 2 non-catalytic chain'
2 polymer 'Transmembrane protease serine 2'
3 branched 2-acetamido-2-deoxy-beta-D-glucopyranose-(1-4)-2-acetamido-2-deoxy-beta-D-glucopyranose-(1-4)-[alpha-L-fucopyranose-(1-6)]2-acetamido-2-deoxy-beta-D-glucopyranose
4 non-polymer 1,2-ETHANEDIOL
5 non-polymer 'UNKNOWN ATOM OR ION'
6 non-polymer '4-carbamimidamidobenzoic acid'
7 non-polymer 'CITRIC ACID'
8 non-polymer 'CALCIUM ION'
9 non-polymer 'TETRAETHYLENE GLYCOL'
10 water water
#
loop_
_entity_poly.entity_id
_entity_poly.type
_entity_poly.pdbx_seq_one_letter_code
_entity_poly.pdbx_strand_id
1 'polypeptide(L)'
;AACVRLYGPNFILQVYSSQRKSWHPVCQDDWNENYGRAACRDMGYKNNFYSSQGIVDDSGSTSFMKLNTSAGNVDIYKKL
YHSDACSSKAVVSLRCIACGVNLNSDDDDK
;
A
2 'polypeptide(L)'
;IVGGESALPGAWPWQVSLHVQNVHVCGGSIITPEWIVTAAHCVEKPLNNPWHWTAFAGILRQSFMFYGAGYQVEKVISHP
NYDSKTKNNDIALMKLQKPLTFNDLVKPVCLPNPGMMLQPEQLCWISGWGATEEKGKTSEVLNAAKVLLIETQRCNSRYV
YDNLITPAMICAGFLQGNVDSCQGDSGGPLVTSKNNIWWLIGDTSWGSGCAKAYRPGVYGNVMVFTDWIYRQMRADGEFV
EHHHHHHHH
;
B
#
# COMPACT_ATOMS: atom_id res chain seq x y z
N ALA A 2 5.37 -20.56 -7.29
CA ALA A 2 4.46 -19.60 -7.94
C ALA A 2 5.06 -18.20 -7.88
N CYS A 3 5.63 -17.73 -9.01
CA CYS A 3 6.02 -16.33 -9.15
CA CYS A 3 6.03 -16.34 -9.17
C CYS A 3 4.99 -15.63 -10.04
N VAL A 4 4.11 -14.82 -9.38
CA VAL A 4 2.90 -14.28 -9.98
C VAL A 4 2.77 -12.81 -9.58
N ARG A 5 2.05 -12.03 -10.40
CA ARG A 5 1.85 -10.62 -10.12
CA ARG A 5 1.81 -10.63 -10.07
C ARG A 5 0.53 -10.18 -10.79
N LEU A 6 -0.06 -9.09 -10.27
CA LEU A 6 -1.00 -8.31 -11.04
C LEU A 6 -0.25 -7.12 -11.59
N TYR A 7 -0.38 -6.92 -12.87
CA TYR A 7 0.46 -5.95 -13.55
C TYR A 7 -0.35 -4.78 -14.06
N GLY A 8 0.14 -3.59 -13.67
CA GLY A 8 -0.36 -2.36 -14.22
C GLY A 8 -1.67 -1.91 -13.60
N PRO A 9 -2.22 -0.78 -14.07
CA PRO A 9 -3.47 -0.26 -13.50
C PRO A 9 -4.72 -1.04 -13.92
N ASN A 10 -4.59 -2.00 -14.86
CA ASN A 10 -5.70 -2.86 -15.30
C ASN A 10 -5.54 -4.30 -14.79
N PHE A 11 -4.65 -4.53 -13.83
CA PHE A 11 -4.61 -5.77 -13.07
C PHE A 11 -4.43 -6.99 -13.96
N ILE A 12 -3.47 -6.93 -14.90
CA ILE A 12 -3.25 -8.10 -15.74
C ILE A 12 -2.53 -9.18 -14.94
N LEU A 13 -3.13 -10.39 -14.86
CA LEU A 13 -2.49 -11.47 -14.13
C LEU A 13 -1.31 -11.98 -14.94
N GLN A 14 -0.13 -12.08 -14.30
CA GLN A 14 1.08 -12.54 -14.98
C GLN A 14 1.85 -13.53 -14.16
N VAL A 15 2.56 -14.43 -14.88
CA VAL A 15 3.38 -15.46 -14.29
C VAL A 15 4.79 -15.33 -14.85
N TYR A 16 5.79 -15.52 -13.99
CA TYR A 16 7.18 -15.36 -14.37
C TYR A 16 7.73 -16.69 -14.89
N SER A 17 8.57 -16.57 -15.92
CA SER A 17 9.37 -17.66 -16.43
C SER A 17 10.84 -17.38 -16.12
N SER A 18 11.47 -18.22 -15.31
CA SER A 18 12.91 -18.05 -15.05
C SER A 18 13.71 -18.39 -16.29
N GLN A 19 13.22 -19.34 -17.08
CA GLN A 19 13.96 -19.74 -18.28
C GLN A 19 14.03 -18.59 -19.29
N ARG A 20 12.94 -17.81 -19.41
CA ARG A 20 12.80 -16.74 -20.40
C ARG A 20 13.12 -15.38 -19.79
N LYS A 21 13.29 -15.33 -18.45
CA LYS A 21 13.49 -14.12 -17.69
CA LYS A 21 13.49 -14.13 -17.66
C LYS A 21 12.45 -13.09 -18.10
N SER A 22 11.19 -13.53 -18.12
CA SER A 22 10.11 -12.71 -18.66
C SER A 22 8.79 -13.07 -17.97
N TRP A 23 7.88 -12.10 -17.97
CA TRP A 23 6.55 -12.24 -17.41
C TRP A 23 5.57 -12.44 -18.53
N HIS A 24 4.59 -13.32 -18.30
CA HIS A 24 3.62 -13.69 -19.31
C HIS A 24 2.21 -13.57 -18.73
N PRO A 25 1.28 -12.96 -19.49
CA PRO A 25 -0.11 -12.91 -19.07
C PRO A 25 -0.77 -14.27 -19.25
N VAL A 26 -1.89 -14.41 -18.55
CA VAL A 26 -2.69 -15.61 -18.56
C VAL A 26 -3.80 -15.44 -19.60
N CYS A 27 -3.85 -16.38 -20.55
CA CYS A 27 -4.94 -16.44 -21.51
CA CYS A 27 -4.93 -16.49 -21.51
C CYS A 27 -6.28 -16.60 -20.78
N GLN A 28 -7.29 -15.90 -21.26
CA GLN A 28 -8.64 -16.05 -20.73
C GLN A 28 -9.25 -17.41 -21.09
N ASP A 29 -8.66 -18.19 -22.02
CA ASP A 29 -9.16 -19.51 -22.37
C ASP A 29 -9.53 -20.34 -21.15
N ASP A 30 -10.80 -20.74 -21.03
CA ASP A 30 -11.27 -21.68 -20.01
C ASP A 30 -11.21 -21.08 -18.61
N TRP A 31 -10.81 -19.80 -18.51
CA TRP A 31 -10.71 -19.15 -17.21
C TRP A 31 -12.12 -18.80 -16.76
N ASN A 32 -12.30 -18.67 -15.45
CA ASN A 32 -13.57 -18.27 -14.90
C ASN A 32 -13.31 -17.67 -13.51
N GLU A 33 -14.39 -17.18 -12.90
CA GLU A 33 -14.28 -16.51 -11.60
C GLU A 33 -13.80 -17.46 -10.51
N ASN A 34 -14.05 -18.77 -10.62
CA ASN A 34 -13.56 -19.71 -9.62
C ASN A 34 -12.03 -19.86 -9.67
N TYR A 35 -11.47 -19.81 -10.87
CA TYR A 35 -10.02 -19.72 -10.99
C TYR A 35 -9.54 -18.38 -10.44
N GLY A 36 -10.28 -17.31 -10.75
CA GLY A 36 -10.00 -15.99 -10.19
C GLY A 36 -9.90 -16.05 -8.68
N ARG A 37 -10.87 -16.72 -8.05
CA ARG A 37 -10.89 -16.84 -6.60
C ARG A 37 -9.68 -17.61 -6.09
N ALA A 38 -9.27 -18.67 -6.80
CA ALA A 38 -8.12 -19.46 -6.37
C ALA A 38 -6.83 -18.63 -6.48
N ALA A 39 -6.70 -17.84 -7.55
CA ALA A 39 -5.54 -16.99 -7.70
C ALA A 39 -5.50 -15.96 -6.56
N CYS A 40 -6.63 -15.34 -6.23
CA CYS A 40 -6.70 -14.38 -5.12
C CYS A 40 -6.27 -15.01 -3.80
N ARG A 41 -6.67 -16.28 -3.56
CA ARG A 41 -6.29 -16.97 -2.35
CA ARG A 41 -6.30 -16.95 -2.32
C ARG A 41 -4.77 -17.15 -2.30
N ASP A 42 -4.18 -17.48 -3.46
CA ASP A 42 -2.75 -17.68 -3.52
C ASP A 42 -2.01 -16.35 -3.25
N MET A 43 -2.64 -15.21 -3.49
CA MET A 43 -2.03 -13.91 -3.26
CA MET A 43 -2.00 -13.91 -3.26
C MET A 43 -2.34 -13.41 -1.84
N GLY A 44 -2.95 -14.26 -1.03
CA GLY A 44 -3.15 -13.95 0.37
C GLY A 44 -4.41 -13.17 0.70
N TYR A 45 -5.37 -13.07 -0.24
CA TYR A 45 -6.59 -12.31 -0.01
C TYR A 45 -7.70 -13.07 0.71
N LYS A 46 -7.43 -14.28 1.19
CA LYS A 46 -8.38 -15.06 1.99
C LYS A 46 -9.72 -15.15 1.25
N ASN A 47 -10.80 -14.60 1.80
CA ASN A 47 -12.11 -14.76 1.18
C ASN A 47 -12.52 -13.49 0.45
N ASN A 48 -11.55 -12.61 0.18
CA ASN A 48 -11.81 -11.46 -0.65
C ASN A 48 -11.74 -11.86 -2.13
N PHE A 49 -12.64 -11.30 -2.92
CA PHE A 49 -12.62 -11.42 -4.36
C PHE A 49 -13.49 -10.29 -4.90
N TYR A 50 -13.13 -9.71 -6.04
CA TYR A 50 -13.93 -8.67 -6.61
C TYR A 50 -14.33 -8.97 -8.05
N SER A 51 -13.39 -9.25 -8.95
CA SER A 51 -13.75 -9.50 -10.34
C SER A 51 -12.64 -10.23 -11.10
N SER A 52 -13.04 -10.98 -12.14
CA SER A 52 -12.13 -11.59 -13.08
C SER A 52 -12.79 -11.46 -14.44
N GLN A 53 -12.19 -10.70 -15.34
CA GLN A 53 -12.73 -10.55 -16.68
C GLN A 53 -11.59 -10.56 -17.68
N GLY A 54 -11.94 -10.92 -18.93
CA GLY A 54 -10.97 -10.91 -20.00
C GLY A 54 -10.81 -9.48 -20.51
N ILE A 55 -9.58 -9.10 -20.83
CA ILE A 55 -9.33 -7.82 -21.47
C ILE A 55 -8.35 -8.02 -22.62
N VAL A 56 -8.30 -7.05 -23.54
CA VAL A 56 -7.29 -7.03 -24.58
C VAL A 56 -5.92 -6.74 -23.95
N ASP A 57 -4.88 -7.43 -24.41
CA ASP A 57 -3.52 -7.25 -23.89
C ASP A 57 -2.81 -6.14 -24.66
N ASP A 58 -2.36 -5.10 -23.94
CA ASP A 58 -1.74 -3.93 -24.51
C ASP A 58 -0.45 -4.33 -25.25
N SER A 61 4.31 -8.13 -24.97
CA SER A 61 4.13 -9.58 -24.65
C SER A 61 3.58 -10.32 -25.86
N THR A 62 4.18 -11.48 -26.17
CA THR A 62 3.61 -12.42 -27.12
C THR A 62 3.13 -13.66 -26.37
N SER A 63 4.04 -14.28 -25.61
CA SER A 63 3.83 -15.59 -25.00
C SER A 63 2.95 -15.50 -23.75
N PHE A 64 2.07 -16.52 -23.68
CA PHE A 64 0.97 -16.59 -22.75
C PHE A 64 1.09 -17.82 -21.86
N MET A 65 0.41 -17.76 -20.69
CA MET A 65 0.17 -18.95 -19.91
C MET A 65 -1.27 -19.38 -20.16
N LYS A 66 -1.45 -20.69 -20.37
CA LYS A 66 -2.71 -21.25 -20.75
C LYS A 66 -3.14 -22.28 -19.71
N LEU A 67 -4.43 -22.31 -19.41
CA LEU A 67 -4.97 -23.18 -18.40
C LEU A 67 -5.13 -24.58 -18.96
N ASN A 68 -4.58 -25.55 -18.24
CA ASN A 68 -4.67 -26.95 -18.58
C ASN A 68 -5.92 -27.51 -17.92
N THR A 69 -7.01 -27.57 -18.68
CA THR A 69 -8.30 -28.11 -18.24
C THR A 69 -8.24 -29.61 -17.90
N SER A 70 -7.22 -30.33 -18.40
N SER A 70 -7.25 -30.34 -18.41
CA SER A 70 -7.06 -31.75 -18.15
CA SER A 70 -7.12 -31.76 -18.10
C SER A 70 -6.13 -32.02 -16.97
C SER A 70 -6.04 -31.99 -17.04
N ALA A 71 -5.79 -30.98 -16.19
CA ALA A 71 -4.92 -31.16 -15.05
C ALA A 71 -5.80 -31.69 -13.92
N GLY A 72 -5.17 -32.27 -12.90
CA GLY A 72 -5.88 -32.71 -11.71
C GLY A 72 -6.15 -31.54 -10.76
N ASN A 73 -6.58 -31.85 -9.53
CA ASN A 73 -6.67 -30.87 -8.45
C ASN A 73 -5.25 -30.58 -7.97
N VAL A 74 -4.59 -29.62 -8.64
CA VAL A 74 -3.33 -29.07 -8.21
C VAL A 74 -3.56 -27.57 -7.98
N ASP A 75 -2.58 -26.90 -7.40
CA ASP A 75 -2.61 -25.45 -7.28
C ASP A 75 -2.84 -24.87 -8.68
N ILE A 76 -3.58 -23.75 -8.74
CA ILE A 76 -3.91 -23.10 -9.98
C ILE A 76 -2.66 -22.81 -10.81
N TYR A 77 -1.52 -22.46 -10.21
CA TYR A 77 -0.36 -22.10 -11.03
C TYR A 77 0.36 -23.31 -11.63
N LYS A 78 0.19 -24.49 -11.03
CA LYS A 78 0.66 -25.77 -11.58
C LYS A 78 -0.26 -26.22 -12.73
N LYS A 79 -1.39 -25.56 -12.94
CA LYS A 79 -2.31 -25.88 -14.02
C LYS A 79 -2.05 -25.05 -15.27
N LEU A 80 -1.07 -24.14 -15.25
CA LEU A 80 -0.80 -23.28 -16.40
C LEU A 80 0.43 -23.78 -17.17
N TYR A 81 0.42 -23.61 -18.48
CA TYR A 81 1.58 -23.93 -19.28
C TYR A 81 1.78 -22.87 -20.35
N HIS A 82 2.96 -22.89 -20.93
CA HIS A 82 3.36 -21.92 -21.94
C HIS A 82 2.74 -22.25 -23.28
N SER A 83 2.10 -21.23 -23.87
CA SER A 83 1.44 -21.32 -25.14
C SER A 83 1.67 -20.01 -25.91
N ASP A 84 2.06 -20.11 -27.19
CA ASP A 84 2.22 -18.92 -28.01
C ASP A 84 0.86 -18.33 -28.37
N ALA A 85 -0.17 -19.19 -28.29
CA ALA A 85 -1.50 -18.89 -28.78
C ALA A 85 -2.50 -18.79 -27.62
N CYS A 86 -3.39 -17.79 -27.77
CA CYS A 86 -4.56 -17.62 -26.93
CA CYS A 86 -4.56 -17.60 -26.93
C CYS A 86 -5.80 -17.56 -27.83
N SER A 87 -6.59 -18.65 -27.85
CA SER A 87 -7.72 -18.70 -28.77
C SER A 87 -8.71 -17.56 -28.51
N SER A 88 -8.91 -17.20 -27.24
CA SER A 88 -9.89 -16.20 -26.86
C SER A 88 -9.42 -14.77 -27.19
N LYS A 89 -8.13 -14.57 -27.49
CA LYS A 89 -7.54 -13.27 -27.79
C LYS A 89 -7.73 -12.27 -26.64
N ALA A 90 -7.88 -12.78 -25.41
CA ALA A 90 -7.99 -11.92 -24.25
C ALA A 90 -7.15 -12.51 -23.13
N VAL A 91 -6.77 -11.66 -22.15
CA VAL A 91 -6.00 -12.11 -21.00
C VAL A 91 -6.77 -11.74 -19.74
N VAL A 92 -6.37 -12.40 -18.66
CA VAL A 92 -7.07 -12.29 -17.38
C VAL A 92 -6.73 -10.97 -16.71
N SER A 93 -7.79 -10.23 -16.33
CA SER A 93 -7.70 -9.07 -15.46
C SER A 93 -8.41 -9.45 -14.16
N LEU A 94 -7.67 -9.37 -13.05
CA LEU A 94 -8.11 -9.98 -11.79
C LEU A 94 -8.02 -8.92 -10.68
N ARG A 95 -9.13 -8.71 -10.00
CA ARG A 95 -9.18 -7.84 -8.84
C ARG A 95 -9.65 -8.63 -7.63
N CYS A 96 -8.84 -8.64 -6.59
CA CYS A 96 -9.15 -9.46 -5.43
C CYS A 96 -9.99 -8.75 -4.39
N ILE A 97 -10.12 -7.43 -4.44
CA ILE A 97 -10.82 -6.71 -3.40
C ILE A 97 -11.33 -5.41 -3.97
N ALA A 98 -12.51 -5.00 -3.54
CA ALA A 98 -13.03 -3.69 -3.90
C ALA A 98 -12.16 -2.70 -3.09
N CYS A 99 -11.42 -1.89 -3.81
CA CYS A 99 -10.52 -0.95 -3.17
C CYS A 99 -10.37 0.28 -4.04
N GLY A 100 -9.85 1.35 -3.42
CA GLY A 100 -9.38 2.47 -4.20
C GLY A 100 -10.47 3.46 -4.63
N VAL A 101 -11.58 3.49 -3.91
CA VAL A 101 -12.63 4.46 -4.18
CA VAL A 101 -12.73 4.37 -4.12
C VAL A 101 -12.85 5.33 -2.93
N ASN A 102 -13.23 6.59 -3.19
CA ASN A 102 -13.46 7.58 -2.14
C ASN A 102 -14.56 8.53 -2.61
N LEU A 103 -14.74 9.60 -1.83
CA LEU A 103 -15.80 10.59 -1.97
C LEU A 103 -16.02 11.02 -3.42
N ASN A 104 -14.91 11.23 -4.15
CA ASN A 104 -14.96 11.85 -5.46
C ASN A 104 -14.91 10.83 -6.61
N SER A 105 -14.99 9.51 -6.34
CA SER A 105 -14.73 8.51 -7.37
C SER A 105 -15.86 8.40 -8.40
N ILE B 1 0.62 16.97 9.19
CA ILE B 1 0.70 17.53 7.81
C ILE B 1 0.92 19.05 7.93
N VAL B 2 1.98 19.53 7.28
CA VAL B 2 2.27 20.96 7.26
C VAL B 2 1.75 21.48 5.92
N GLY B 3 0.98 22.56 5.98
CA GLY B 3 0.56 23.30 4.80
C GLY B 3 -0.55 22.59 4.00
N GLY B 4 -1.29 21.73 4.70
CA GLY B 4 -2.46 21.07 4.14
C GLY B 4 -3.76 21.74 4.58
N GLU B 5 -4.85 20.99 4.42
CA GLU B 5 -6.22 21.41 4.65
CA GLU B 5 -6.20 21.43 4.68
C GLU B 5 -6.93 20.26 5.34
N SER B 6 -7.89 20.57 6.20
CA SER B 6 -8.75 19.59 6.85
CA SER B 6 -8.65 19.53 6.87
C SER B 6 -9.30 18.60 5.84
N ALA B 7 -9.16 17.31 6.10
CA ALA B 7 -9.83 16.29 5.30
C ALA B 7 -11.35 16.34 5.42
N LEU B 8 -12.02 16.05 4.30
CA LEU B 8 -13.47 15.87 4.28
C LEU B 8 -13.88 14.46 4.65
N PRO B 9 -15.11 14.25 5.19
CA PRO B 9 -15.60 12.92 5.48
C PRO B 9 -15.55 12.06 4.21
N GLY B 10 -14.92 10.89 4.34
CA GLY B 10 -14.91 9.93 3.25
C GLY B 10 -13.92 10.27 2.15
N ALA B 11 -13.11 11.34 2.28
CA ALA B 11 -12.09 11.61 1.27
C ALA B 11 -10.95 10.57 1.34
N TRP B 12 -10.59 10.18 2.57
CA TRP B 12 -9.43 9.31 2.77
C TRP B 12 -9.88 8.18 3.64
N PRO B 13 -10.77 7.27 3.11
CA PRO B 13 -11.47 6.33 3.98
C PRO B 13 -10.61 5.15 4.44
N TRP B 14 -9.39 5.08 3.89
CA TRP B 14 -8.40 4.07 4.29
C TRP B 14 -7.52 4.55 5.43
N GLN B 15 -7.60 5.82 5.81
CA GLN B 15 -6.71 6.36 6.82
C GLN B 15 -7.16 5.89 8.20
N VAL B 16 -6.23 5.34 8.98
CA VAL B 16 -6.49 5.07 10.38
C VAL B 16 -5.53 5.85 11.27
N SER B 17 -6.01 6.07 12.52
CA SER B 17 -5.21 6.61 13.60
C SER B 17 -4.86 5.43 14.51
N LEU B 18 -3.58 5.27 14.82
CA LEU B 18 -3.10 4.17 15.61
C LEU B 18 -2.68 4.71 16.98
N HIS B 19 -3.38 4.26 18.03
CA HIS B 19 -3.23 4.77 19.37
C HIS B 19 -2.49 3.76 20.26
N VAL B 20 -1.72 4.37 21.17
CA VAL B 20 -1.07 3.71 22.29
C VAL B 20 -1.31 4.55 23.55
N GLN B 21 -1.71 3.92 24.66
CA GLN B 21 -1.92 4.66 25.91
C GLN B 21 -2.87 5.83 25.65
N ASN B 22 -3.93 5.54 24.89
CA ASN B 22 -5.06 6.43 24.69
C ASN B 22 -4.71 7.70 23.92
N VAL B 23 -3.60 7.68 23.14
CA VAL B 23 -3.30 8.79 22.27
C VAL B 23 -2.77 8.30 20.92
N HIS B 24 -3.01 9.15 19.93
CA HIS B 24 -2.47 8.96 18.60
C HIS B 24 -0.95 8.92 18.61
N VAL B 25 -0.37 7.92 17.91
CA VAL B 25 1.06 7.80 17.73
C VAL B 25 1.42 7.83 16.25
N CYS B 26 0.65 7.11 15.41
CA CYS B 26 1.06 6.85 14.04
CA CYS B 26 0.99 7.15 14.01
C CYS B 26 -0.20 6.76 13.16
N GLY B 27 -0.01 6.93 11.86
CA GLY B 27 -1.02 6.60 10.87
C GLY B 27 -0.81 5.23 10.29
N GLY B 28 -1.83 4.81 9.58
CA GLY B 28 -1.80 3.58 8.80
C GLY B 28 -2.85 3.63 7.70
N SER B 29 -2.83 2.64 6.82
CA SER B 29 -3.73 2.55 5.70
C SER B 29 -4.39 1.18 5.65
N ILE B 30 -5.70 1.15 5.51
CA ILE B 30 -6.48 -0.08 5.41
C ILE B 30 -6.33 -0.67 4.03
N ILE B 31 -5.95 -1.96 3.96
CA ILE B 31 -5.88 -2.68 2.69
C ILE B 31 -6.89 -3.84 2.64
N THR B 32 -7.29 -4.38 3.78
CA THR B 32 -8.40 -5.35 3.81
C THR B 32 -9.19 -5.08 5.09
N PRO B 33 -10.34 -5.72 5.35
CA PRO B 33 -11.04 -5.47 6.60
C PRO B 33 -10.18 -5.72 7.84
N GLU B 34 -9.14 -6.51 7.71
CA GLU B 34 -8.34 -6.88 8.87
C GLU B 34 -6.90 -6.39 8.80
N TRP B 35 -6.40 -5.93 7.66
CA TRP B 35 -4.99 -5.61 7.51
C TRP B 35 -4.81 -4.13 7.23
N ILE B 36 -3.81 -3.60 7.93
CA ILE B 36 -3.35 -2.22 7.88
C ILE B 36 -1.85 -2.19 7.59
N VAL B 37 -1.49 -1.32 6.65
CA VAL B 37 -0.10 -1.02 6.38
C VAL B 37 0.33 0.19 7.18
N THR B 38 1.50 0.11 7.85
CA THR B 38 2.07 1.20 8.60
C THR B 38 3.59 1.12 8.49
N ALA B 39 4.29 1.93 9.29
CA ALA B 39 5.73 2.01 9.24
C ALA B 39 6.33 1.11 10.33
N ALA B 40 7.38 0.37 9.98
CA ALA B 40 8.15 -0.34 10.99
C ALA B 40 8.69 0.50 12.14
N HIS B 41 9.08 1.75 11.90
CA HIS B 41 9.61 2.60 12.96
CA HIS B 41 9.63 2.55 12.98
C HIS B 41 8.59 2.77 14.07
N CYS B 42 7.30 2.80 13.71
CA CYS B 42 6.22 3.01 14.67
C CYS B 42 6.17 1.89 15.71
N VAL B 43 6.57 0.69 15.28
CA VAL B 43 6.43 -0.51 16.10
C VAL B 43 7.78 -1.04 16.57
N GLU B 44 8.82 -0.18 16.61
CA GLU B 44 10.04 -0.58 17.28
C GLU B 44 9.73 -0.89 18.75
N LYS B 45 10.53 -1.81 19.33
CA LYS B 45 10.48 -2.01 20.77
C LYS B 45 10.63 -0.66 21.45
N PRO B 46 9.90 -0.34 22.53
CA PRO B 46 9.05 -1.29 23.25
C PRO B 46 7.58 -1.35 22.82
N LEU B 47 7.27 -0.93 21.59
CA LEU B 47 5.90 -0.99 21.06
C LEU B 47 5.74 -2.03 19.96
N ASN B 48 6.50 -3.12 20.02
CA ASN B 48 6.46 -4.14 19.00
CA ASN B 48 6.42 -4.11 18.97
C ASN B 48 5.25 -5.07 19.19
N ASN B 49 4.79 -5.20 20.45
CA ASN B 49 3.74 -6.15 20.78
CA ASN B 49 3.75 -6.18 20.75
C ASN B 49 2.37 -5.60 20.37
N PRO B 50 1.45 -6.41 19.78
CA PRO B 50 0.14 -5.89 19.38
C PRO B 50 -0.68 -5.31 20.52
N TRP B 51 -0.44 -5.77 21.77
CA TRP B 51 -1.34 -5.39 22.85
C TRP B 51 -1.42 -3.89 23.06
N HIS B 52 -0.33 -3.18 22.71
CA HIS B 52 -0.28 -1.74 22.87
C HIS B 52 -1.28 -0.99 21.99
N TRP B 53 -1.69 -1.57 20.85
CA TRP B 53 -2.24 -0.80 19.75
C TRP B 53 -3.75 -0.96 19.54
N THR B 54 -4.37 0.18 19.27
CA THR B 54 -5.74 0.24 18.77
C THR B 54 -5.80 1.15 17.55
N ALA B 55 -6.69 0.78 16.63
CA ALA B 55 -6.91 1.50 15.39
C ALA B 55 -8.28 2.16 15.38
N PHE B 56 -8.30 3.40 14.90
CA PHE B 56 -9.54 4.14 14.75
C PHE B 56 -9.72 4.51 13.28
N ALA B 57 -10.85 4.07 12.72
CA ALA B 57 -11.18 4.28 11.31
C ALA B 57 -12.47 5.08 11.19
N GLY B 58 -12.59 5.81 10.08
CA GLY B 58 -13.83 6.51 9.75
C GLY B 58 -14.11 7.73 10.61
N ILE B 59 -13.11 8.17 11.38
CA ILE B 59 -13.30 9.27 12.33
C ILE B 59 -12.24 10.34 12.06
N LEU B 60 -12.67 11.58 11.82
CA LEU B 60 -11.78 12.66 11.45
C LEU B 60 -11.08 13.29 12.64
N ARG B 61 -11.74 13.37 13.81
CA ARG B 61 -11.28 14.17 14.92
C ARG B 61 -10.83 13.27 16.07
N GLN B 62 -9.64 13.54 16.63
CA GLN B 62 -9.10 12.75 17.72
C GLN B 62 -10.06 12.76 18.92
N SER B 63 -10.73 13.88 19.18
CA SER B 63 -11.57 13.98 20.36
C SER B 63 -12.83 13.11 20.20
N PHE B 64 -13.12 12.61 19.00
CA PHE B 64 -14.21 11.66 18.80
C PHE B 64 -13.74 10.19 18.72
N MET B 65 -12.50 9.92 19.08
CA MET B 65 -11.96 8.56 19.16
C MET B 65 -11.94 8.14 20.64
N PHE B 66 -13.02 7.48 21.02
CA PHE B 66 -13.32 7.24 22.42
C PHE B 66 -12.59 6.01 22.94
N TYR B 67 -12.05 6.14 24.15
CA TYR B 67 -11.43 5.05 24.88
C TYR B 67 -12.38 3.86 24.86
N GLY B 68 -11.88 2.70 24.43
CA GLY B 68 -12.70 1.51 24.34
C GLY B 68 -13.41 1.30 23.00
N ALA B 69 -13.48 2.29 22.08
CA ALA B 69 -14.16 2.06 20.80
C ALA B 69 -13.15 1.82 19.65
N GLY B 70 -11.89 1.73 19.97
CA GLY B 70 -10.94 1.42 18.91
C GLY B 70 -10.98 -0.07 18.59
N TYR B 71 -10.41 -0.43 17.45
CA TYR B 71 -10.19 -1.82 17.08
C TYR B 71 -8.83 -2.28 17.63
N GLN B 72 -8.87 -3.31 18.48
CA GLN B 72 -7.64 -3.88 19.01
C GLN B 72 -6.84 -4.59 17.91
N VAL B 73 -5.55 -4.30 17.88
CA VAL B 73 -4.59 -4.96 17.01
C VAL B 73 -4.19 -6.30 17.62
N GLU B 74 -4.24 -7.33 16.78
CA GLU B 74 -3.92 -8.71 17.16
C GLU B 74 -2.51 -9.13 16.78
N LYS B 75 -1.96 -8.59 15.67
CA LYS B 75 -0.65 -9.01 15.19
CA LYS B 75 -0.65 -9.01 15.19
C LYS B 75 0.07 -7.80 14.59
N VAL B 76 1.37 -7.75 14.86
CA VAL B 76 2.30 -6.76 14.30
C VAL B 76 3.39 -7.53 13.58
N ILE B 77 3.69 -7.17 12.34
CA ILE B 77 4.75 -7.81 11.57
C ILE B 77 5.60 -6.71 10.95
N SER B 78 6.86 -6.62 11.36
CA SER B 78 7.79 -5.65 10.80
CA SER B 78 7.78 -5.65 10.83
C SER B 78 8.56 -6.30 9.67
N HIS B 79 8.91 -5.53 8.64
CA HIS B 79 9.67 -6.05 7.53
C HIS B 79 10.99 -6.65 8.05
N PRO B 80 11.35 -7.86 7.60
CA PRO B 80 12.58 -8.50 8.07
C PRO B 80 13.85 -7.70 7.81
N ASN B 81 13.87 -6.88 6.75
CA ASN B 81 15.03 -6.08 6.41
C ASN B 81 14.94 -4.62 6.88
N TYR B 82 13.99 -4.30 7.77
CA TYR B 82 13.99 -2.98 8.36
C TYR B 82 15.27 -2.68 9.11
N ASP B 83 15.81 -1.49 8.88
CA ASP B 83 17.05 -1.06 9.50
C ASP B 83 16.76 0.26 10.20
N SER B 84 16.78 0.28 11.54
CA SER B 84 16.31 1.44 12.27
CA SER B 84 16.37 1.42 12.34
C SER B 84 17.25 2.63 12.08
N LYS B 85 18.53 2.36 11.83
CA LYS B 85 19.51 3.44 11.71
C LYS B 85 19.19 4.27 10.47
N THR B 86 19.02 3.57 9.34
CA THR B 86 18.81 4.18 8.01
C THR B 86 17.33 4.34 7.66
N LYS B 87 16.46 3.67 8.42
CA LYS B 87 15.04 3.60 8.13
CA LYS B 87 15.04 3.57 8.15
C LYS B 87 14.77 2.89 6.81
N ASN B 88 15.73 2.10 6.33
CA ASN B 88 15.47 1.37 5.10
C ASN B 88 14.43 0.28 5.37
N ASN B 89 13.59 0.03 4.38
CA ASN B 89 12.54 -1.00 4.46
C ASN B 89 11.60 -0.72 5.63
N ASP B 90 11.13 0.52 5.70
CA ASP B 90 10.30 0.98 6.80
C ASP B 90 8.84 0.71 6.53
N ILE B 91 8.41 -0.55 6.75
CA ILE B 91 7.06 -0.97 6.51
C ILE B 91 6.74 -2.07 7.52
N ALA B 92 5.49 -2.04 7.96
CA ALA B 92 4.99 -3.03 8.91
C ALA B 92 3.54 -3.31 8.56
N LEU B 93 3.00 -4.44 9.04
CA LEU B 93 1.59 -4.71 8.92
C LEU B 93 1.00 -4.89 10.31
N MET B 94 -0.23 -4.41 10.46
CA MET B 94 -1.03 -4.73 11.63
C MET B 94 -2.27 -5.49 11.21
N LYS B 95 -2.60 -6.55 11.97
CA LYS B 95 -3.82 -7.28 11.74
C LYS B 95 -4.76 -7.01 12.91
N LEU B 96 -6.00 -6.63 12.59
CA LEU B 96 -7.02 -6.38 13.60
C LEU B 96 -7.62 -7.71 14.10
N GLN B 97 -7.98 -7.71 15.39
CA GLN B 97 -8.67 -8.85 15.99
CA GLN B 97 -8.65 -8.86 16.00
C GLN B 97 -10.04 -9.07 15.36
N LYS B 98 -10.75 -7.99 15.07
CA LYS B 98 -12.08 -8.06 14.48
C LYS B 98 -12.07 -7.25 13.18
N PRO B 99 -12.65 -7.78 12.10
CA PRO B 99 -12.66 -7.05 10.84
C PRO B 99 -13.48 -5.78 10.88
N LEU B 100 -13.00 -4.76 10.16
CA LEU B 100 -13.72 -3.51 10.03
C LEU B 100 -14.96 -3.71 9.17
N THR B 101 -15.94 -2.84 9.42
CA THR B 101 -17.16 -2.73 8.64
C THR B 101 -16.99 -1.61 7.64
N PHE B 102 -16.87 -1.96 6.36
CA PHE B 102 -16.71 -0.96 5.33
C PHE B 102 -18.04 -0.27 5.02
N ASN B 103 -17.95 1.01 4.73
CA ASN B 103 -19.10 1.87 4.50
C ASN B 103 -18.55 3.08 3.74
N ASP B 104 -19.29 4.19 3.71
CA ASP B 104 -18.87 5.35 2.95
C ASP B 104 -17.62 6.01 3.55
N LEU B 105 -17.37 5.77 4.84
CA LEU B 105 -16.30 6.45 5.57
C LEU B 105 -15.09 5.54 5.83
N VAL B 106 -15.23 4.24 5.61
CA VAL B 106 -14.19 3.25 5.92
C VAL B 106 -14.12 2.30 4.75
N LYS B 107 -13.00 2.33 4.01
CA LYS B 107 -12.83 1.43 2.90
CA LYS B 107 -12.85 1.63 2.75
C LYS B 107 -11.36 1.36 2.57
N PRO B 108 -10.92 0.31 1.84
CA PRO B 108 -9.50 0.13 1.57
C PRO B 108 -8.93 0.88 0.37
N VAL B 109 -7.64 1.13 0.44
CA VAL B 109 -6.87 1.66 -0.67
C VAL B 109 -6.27 0.45 -1.40
N CYS B 110 -6.05 0.57 -2.69
CA CYS B 110 -5.48 -0.55 -3.43
CA CYS B 110 -5.47 -0.50 -3.49
C CYS B 110 -3.96 -0.61 -3.26
N LEU B 111 -3.44 -1.84 -3.08
CA LEU B 111 -2.01 -2.04 -3.13
C LEU B 111 -1.53 -1.74 -4.56
N PRO B 112 -0.34 -1.17 -4.70
CA PRO B 112 0.19 -0.82 -6.03
C PRO B 112 0.70 -2.06 -6.74
N ASN B 113 0.40 -2.11 -8.02
CA ASN B 113 0.89 -3.19 -8.87
C ASN B 113 2.22 -2.77 -9.51
N PRO B 114 3.14 -3.72 -9.81
CA PRO B 114 4.24 -3.42 -10.74
C PRO B 114 3.65 -2.77 -11.99
N GLY B 115 4.45 -1.96 -12.70
CA GLY B 115 3.98 -1.41 -13.96
C GLY B 115 2.91 -0.31 -13.88
N MET B 116 2.88 0.46 -12.77
CA MET B 116 1.95 1.57 -12.62
C MET B 116 2.27 2.70 -13.62
N MET B 117 3.57 2.80 -14.01
CA MET B 117 4.02 3.79 -14.99
CA MET B 117 4.07 3.79 -14.95
C MET B 117 3.69 5.19 -14.48
N LEU B 118 3.97 5.48 -13.20
CA LEU B 118 3.64 6.80 -12.71
C LEU B 118 4.56 7.82 -13.37
N GLN B 119 4.09 9.07 -13.39
CA GLN B 119 4.93 10.17 -13.89
C GLN B 119 6.08 10.38 -12.94
N PRO B 120 7.23 10.88 -13.42
CA PRO B 120 8.34 11.20 -12.53
C PRO B 120 7.96 12.09 -11.35
N GLU B 121 7.04 13.03 -11.60
CA GLU B 121 6.59 13.92 -10.53
C GLU B 121 5.09 13.77 -10.31
N GLN B 122 4.63 12.52 -10.33
CA GLN B 122 3.23 12.19 -10.13
C GLN B 122 2.61 12.98 -8.97
N LEU B 123 1.41 13.50 -9.21
CA LEU B 123 0.65 14.15 -8.16
CA LEU B 123 0.61 14.14 -8.19
C LEU B 123 0.08 13.09 -7.22
N CYS B 124 0.41 13.26 -5.95
CA CYS B 124 0.00 12.40 -4.86
C CYS B 124 -0.65 13.22 -3.75
N TRP B 125 -1.24 12.52 -2.76
CA TRP B 125 -1.79 13.11 -1.56
C TRP B 125 -1.21 12.37 -0.36
N ILE B 126 -0.97 13.13 0.72
CA ILE B 126 -0.65 12.60 2.02
C ILE B 126 -1.73 13.06 3.00
N SER B 127 -1.99 12.26 4.02
CA SER B 127 -2.97 12.60 5.02
C SER B 127 -2.46 12.12 6.38
N GLY B 128 -2.96 12.76 7.43
CA GLY B 128 -2.66 12.30 8.76
C GLY B 128 -3.00 13.34 9.84
N TRP B 129 -2.73 12.95 11.06
CA TRP B 129 -2.96 13.78 12.23
C TRP B 129 -1.63 14.28 12.78
N GLY B 130 -0.56 14.25 11.98
CA GLY B 130 0.70 14.85 12.40
C GLY B 130 0.59 16.32 12.76
N ALA B 131 1.71 16.78 13.32
CA ALA B 131 1.91 18.19 13.61
C ALA B 131 1.74 19.02 12.34
N THR B 132 1.20 20.22 12.51
CA THR B 132 1.04 21.16 11.40
C THR B 132 2.18 22.18 11.32
N GLU B 133 3.19 22.02 12.18
CA GLU B 133 4.43 22.78 12.17
C GLU B 133 5.50 21.95 12.86
N GLU B 134 6.76 22.13 12.45
CA GLU B 134 7.83 21.40 13.09
C GLU B 134 7.79 21.64 14.60
N LYS B 135 7.87 20.54 15.35
CA LYS B 135 7.89 20.52 16.80
C LYS B 135 6.50 20.74 17.40
N GLY B 136 5.45 20.77 16.57
CA GLY B 136 4.09 20.93 17.01
C GLY B 136 3.50 19.67 17.62
N LYS B 137 2.33 19.87 18.23
CA LYS B 137 1.50 18.82 18.81
C LYS B 137 0.71 18.13 17.69
N THR B 138 0.25 16.92 18.01
CA THR B 138 -0.68 16.18 17.16
C THR B 138 -1.86 17.06 16.76
N SER B 139 -2.27 16.94 15.50
CA SER B 139 -3.45 17.63 15.00
C SER B 139 -4.71 16.94 15.50
N GLU B 140 -5.65 17.70 16.09
CA GLU B 140 -6.96 17.19 16.46
CA GLU B 140 -6.92 17.12 16.47
C GLU B 140 -7.71 16.69 15.23
N VAL B 141 -7.52 17.38 14.10
CA VAL B 141 -8.25 17.10 12.89
C VAL B 141 -7.36 16.41 11.84
N LEU B 142 -7.97 15.50 11.07
CA LEU B 142 -7.21 14.85 10.01
C LEU B 142 -6.98 15.91 8.95
N ASN B 143 -5.74 16.03 8.50
CA ASN B 143 -5.41 16.94 7.40
C ASN B 143 -4.94 16.13 6.17
N ALA B 144 -4.92 16.81 5.01
CA ALA B 144 -4.38 16.22 3.79
C ALA B 144 -3.74 17.33 2.95
N ALA B 145 -2.81 16.91 2.12
CA ALA B 145 -2.14 17.84 1.22
C ALA B 145 -1.74 17.10 -0.06
N LYS B 146 -1.70 17.88 -1.14
CA LYS B 146 -1.09 17.46 -2.41
C LYS B 146 0.40 17.65 -2.36
N VAL B 147 1.14 16.60 -2.79
CA VAL B 147 2.58 16.61 -2.90
C VAL B 147 2.92 16.00 -4.26
N LEU B 148 4.07 16.32 -4.81
CA LEU B 148 4.54 15.64 -6.02
C LEU B 148 5.63 14.66 -5.63
N LEU B 149 5.71 13.54 -6.37
CA LEU B 149 6.92 12.75 -6.26
C LEU B 149 8.13 13.58 -6.69
N ILE B 150 9.24 13.35 -6.01
CA ILE B 150 10.53 13.95 -6.34
C ILE B 150 11.40 12.82 -6.85
N GLU B 151 11.93 13.03 -8.05
CA GLU B 151 12.74 12.00 -8.68
C GLU B 151 13.86 11.61 -7.72
N THR B 152 14.14 10.31 -7.64
CA THR B 152 15.15 9.83 -6.72
C THR B 152 16.52 10.47 -6.99
N GLN B 153 16.87 10.71 -8.25
CA GLN B 153 18.17 11.33 -8.53
C GLN B 153 18.31 12.71 -7.89
N ARG B 154 17.26 13.53 -7.99
CA ARG B 154 17.19 14.81 -7.33
C ARG B 154 17.26 14.67 -5.82
N CYS B 155 16.48 13.75 -5.24
CA CYS B 155 16.39 13.62 -3.81
CA CYS B 155 16.42 13.71 -3.78
C CYS B 155 17.73 13.17 -3.21
N ASN B 156 18.52 12.45 -4.01
CA ASN B 156 19.81 11.91 -3.59
C ASN B 156 20.98 12.89 -3.86
N SER B 157 20.65 14.07 -4.39
CA SER B 157 21.69 15.05 -4.68
C SER B 157 22.31 15.53 -3.38
N ARG B 158 23.51 16.11 -3.51
CA ARG B 158 24.33 16.58 -2.39
CA ARG B 158 24.31 16.52 -2.35
C ARG B 158 23.59 17.57 -1.50
N TYR B 159 22.72 18.40 -2.11
CA TYR B 159 22.03 19.44 -1.39
C TYR B 159 20.71 18.97 -0.78
N VAL B 160 20.32 17.71 -1.06
CA VAL B 160 19.08 17.19 -0.51
C VAL B 160 19.42 16.07 0.47
N TYR B 161 19.27 14.80 0.08
CA TYR B 161 19.56 13.71 1.02
C TYR B 161 20.81 12.91 0.67
N ASP B 162 21.61 13.39 -0.30
CA ASP B 162 22.98 12.95 -0.47
C ASP B 162 23.16 11.45 -0.29
N ASN B 163 22.54 10.68 -1.19
CA ASN B 163 22.78 9.26 -1.36
C ASN B 163 22.09 8.42 -0.28
N LEU B 164 21.16 9.00 0.51
CA LEU B 164 20.48 8.23 1.55
C LEU B 164 19.21 7.56 1.01
N ILE B 165 18.75 7.91 -0.19
CA ILE B 165 17.48 7.41 -0.69
C ILE B 165 17.72 6.11 -1.43
N THR B 166 17.25 5.00 -0.83
CA THR B 166 17.44 3.68 -1.41
C THR B 166 16.31 3.31 -2.33
N PRO B 167 16.40 2.19 -3.08
CA PRO B 167 15.29 1.72 -3.90
C PRO B 167 13.99 1.39 -3.14
N ALA B 168 14.08 1.19 -1.82
CA ALA B 168 12.90 0.91 -1.00
C ALA B 168 12.30 2.23 -0.47
N MET B 169 12.76 3.36 -0.98
CA MET B 169 12.28 4.66 -0.53
C MET B 169 11.88 5.49 -1.74
N ILE B 170 10.90 6.39 -1.54
CA ILE B 170 10.58 7.40 -2.55
C ILE B 170 10.40 8.72 -1.84
N CYS B 171 10.79 9.79 -2.53
CA CYS B 171 10.64 11.13 -2.00
C CYS B 171 9.41 11.83 -2.56
N ALA B 172 8.78 12.64 -1.74
CA ALA B 172 7.65 13.44 -2.18
C ALA B 172 7.58 14.73 -1.37
N GLY B 173 7.02 15.74 -2.03
CA GLY B 173 6.85 17.02 -1.40
C GLY B 173 7.28 18.12 -2.38
N PHE B 174 7.95 19.12 -1.81
CA PHE B 174 8.40 20.29 -2.58
C PHE B 174 9.77 20.70 -2.07
N LEU B 175 10.74 20.92 -2.97
CA LEU B 175 12.08 21.26 -2.50
C LEU B 175 12.13 22.65 -1.87
N GLN B 176 11.15 23.53 -2.12
CA GLN B 176 11.04 24.79 -1.40
C GLN B 176 10.47 24.60 0.00
N GLY B 177 9.98 23.39 0.32
CA GLY B 177 9.33 23.15 1.61
C GLY B 177 7.88 23.59 1.64
N ASN B 178 7.42 23.88 2.86
CA ASN B 178 6.16 24.50 3.21
C ASN B 178 4.99 23.52 3.23
N VAL B 179 5.03 22.43 2.45
CA VAL B 179 3.98 21.42 2.44
C VAL B 179 4.69 20.09 2.60
N ASP B 180 4.32 19.30 3.62
CA ASP B 180 5.10 18.13 3.97
C ASP B 180 4.37 17.35 5.07
N SER B 181 4.83 16.11 5.27
CA SER B 181 4.45 15.30 6.42
C SER B 181 5.24 15.74 7.64
N CYS B 182 4.78 15.36 8.83
CA CYS B 182 5.52 15.68 10.04
C CYS B 182 5.24 14.61 11.09
N GLN B 183 5.88 14.77 12.24
CA GLN B 183 5.74 13.80 13.32
CA GLN B 183 5.73 13.82 13.35
C GLN B 183 4.25 13.55 13.59
N GLY B 184 3.89 12.26 13.65
CA GLY B 184 2.52 11.86 13.82
C GLY B 184 1.87 11.37 12.53
N ASP B 185 2.40 11.79 11.38
CA ASP B 185 1.86 11.35 10.10
C ASP B 185 2.52 10.06 9.68
N SER B 186 3.66 9.72 10.28
CA SER B 186 4.36 8.52 9.85
C SER B 186 3.55 7.25 10.05
N GLY B 187 3.77 6.33 9.09
CA GLY B 187 2.98 5.13 8.91
C GLY B 187 1.82 5.33 7.96
N GLY B 188 1.38 6.58 7.77
CA GLY B 188 0.18 6.87 6.98
C GLY B 188 0.45 6.86 5.48
N PRO B 189 -0.64 7.10 4.72
CA PRO B 189 -0.59 6.94 3.28
C PRO B 189 0.02 8.10 2.50
N LEU B 190 0.67 7.69 1.43
CA LEU B 190 0.95 8.51 0.23
C LEU B 190 0.21 7.81 -0.90
N VAL B 191 -0.79 8.47 -1.48
CA VAL B 191 -1.68 7.82 -2.44
C VAL B 191 -1.67 8.63 -3.74
N THR B 192 -2.07 7.94 -4.83
CA THR B 192 -2.24 8.63 -6.11
C THR B 192 -3.43 8.01 -6.82
N SER B 193 -4.06 8.83 -7.67
CA SER B 193 -5.15 8.37 -8.49
C SER B 193 -4.66 8.02 -9.89
N LYS B 194 -4.92 6.81 -10.39
CA LYS B 194 -4.60 6.44 -11.75
CA LYS B 194 -4.63 6.47 -11.76
C LYS B 194 -5.65 5.44 -12.21
N ASN B 195 -6.21 5.64 -13.41
CA ASN B 195 -7.25 4.73 -13.90
C ASN B 195 -8.45 4.67 -12.95
N ASN B 196 -8.80 5.83 -12.34
N ASN B 196 -8.82 5.83 -12.36
CA ASN B 196 -9.98 5.97 -11.51
CA ASN B 196 -9.98 6.00 -11.47
C ASN B 196 -9.89 5.11 -10.25
C ASN B 196 -9.89 5.09 -10.25
N ILE B 197 -8.66 4.77 -9.85
CA ILE B 197 -8.37 3.98 -8.66
C ILE B 197 -7.34 4.75 -7.84
N TRP B 198 -7.55 4.75 -6.52
CA TRP B 198 -6.56 5.25 -5.58
C TRP B 198 -5.66 4.10 -5.12
N TRP B 199 -4.34 4.33 -5.26
CA TRP B 199 -3.26 3.40 -5.01
C TRP B 199 -2.38 3.86 -3.88
N LEU B 200 -1.96 2.91 -3.03
CA LEU B 200 -1.02 3.21 -1.95
C LEU B 200 0.41 3.14 -2.47
N ILE B 201 1.00 4.31 -2.79
CA ILE B 201 2.33 4.40 -3.38
C ILE B 201 3.38 4.35 -2.28
N GLY B 202 3.11 5.00 -1.15
CA GLY B 202 4.10 5.09 -0.11
C GLY B 202 3.49 5.08 1.29
N ASP B 203 4.35 4.73 2.24
CA ASP B 203 4.00 4.95 3.64
C ASP B 203 4.95 5.97 4.26
N THR B 204 4.38 6.96 4.88
CA THR B 204 5.15 8.08 5.45
C THR B 204 6.23 7.58 6.41
N SER B 205 7.48 7.97 6.18
CA SER B 205 8.59 7.31 6.86
C SER B 205 9.50 8.29 7.62
N TRP B 206 10.19 9.22 6.92
CA TRP B 206 11.17 10.06 7.59
C TRP B 206 11.47 11.30 6.77
N GLY B 207 12.16 12.22 7.44
CA GLY B 207 12.72 13.37 6.77
C GLY B 207 13.39 14.25 7.81
N SER B 208 14.24 15.17 7.36
CA SER B 208 14.90 16.06 8.30
CA SER B 208 14.92 16.06 8.28
C SER B 208 14.02 17.25 8.60
N GLY B 209 13.63 17.41 9.87
CA GLY B 209 12.70 18.46 10.23
C GLY B 209 11.36 18.20 9.55
N CYS B 210 10.54 19.23 9.40
CA CYS B 210 9.33 19.14 8.60
CA CYS B 210 9.45 19.08 8.47
C CYS B 210 9.16 20.41 7.77
N ALA B 211 8.86 20.26 6.47
CA ALA B 211 8.47 21.35 5.59
C ALA B 211 9.64 22.33 5.39
N LYS B 212 10.86 21.88 5.63
CA LYS B 212 12.04 22.68 5.37
C LYS B 212 12.42 22.56 3.91
N ALA B 213 13.03 23.63 3.37
CA ALA B 213 13.55 23.57 2.04
C ALA B 213 14.66 22.53 1.94
N TYR B 214 14.72 21.81 0.82
CA TYR B 214 15.71 20.82 0.48
C TYR B 214 15.70 19.62 1.42
N ARG B 215 14.59 19.48 2.17
CA ARG B 215 14.44 18.41 3.14
C ARG B 215 13.03 17.81 3.00
N PRO B 216 12.71 17.18 1.86
CA PRO B 216 11.35 16.74 1.64
C PRO B 216 11.03 15.45 2.42
N GLY B 217 9.82 14.96 2.22
CA GLY B 217 9.40 13.73 2.89
C GLY B 217 9.94 12.51 2.16
N VAL B 218 10.26 11.47 2.98
CA VAL B 218 10.67 10.20 2.46
C VAL B 218 9.67 9.16 2.94
N TYR B 219 9.28 8.33 1.98
CA TYR B 219 8.19 7.38 2.09
C TYR B 219 8.73 5.99 1.77
N GLY B 220 8.21 4.96 2.49
CA GLY B 220 8.47 3.62 2.02
C GLY B 220 7.85 3.36 0.68
N ASN B 221 8.60 2.68 -0.20
CA ASN B 221 8.19 2.42 -1.56
C ASN B 221 7.33 1.16 -1.60
N VAL B 222 6.02 1.34 -1.42
CA VAL B 222 5.14 0.21 -1.15
C VAL B 222 5.18 -0.83 -2.29
N MET B 223 5.36 -0.40 -3.54
CA MET B 223 5.50 -1.25 -4.72
CA MET B 223 5.35 -1.36 -4.63
C MET B 223 6.49 -2.38 -4.44
N VAL B 224 7.62 -2.03 -3.84
CA VAL B 224 8.66 -3.03 -3.63
C VAL B 224 8.31 -3.99 -2.50
N PHE B 225 7.34 -3.65 -1.68
CA PHE B 225 6.95 -4.52 -0.57
C PHE B 225 5.69 -5.34 -0.82
N THR B 226 4.97 -5.18 -1.94
CA THR B 226 3.67 -5.80 -2.14
CA THR B 226 3.67 -5.80 -2.12
C THR B 226 3.77 -7.32 -2.05
N ASP B 227 4.82 -7.90 -2.64
CA ASP B 227 4.91 -9.34 -2.61
C ASP B 227 5.11 -9.83 -1.16
N TRP B 228 5.92 -9.14 -0.34
CA TRP B 228 6.05 -9.46 1.07
C TRP B 228 4.68 -9.39 1.76
N ILE B 229 3.90 -8.32 1.47
CA ILE B 229 2.58 -8.18 2.07
C ILE B 229 1.68 -9.38 1.74
N TYR B 230 1.65 -9.73 0.44
CA TYR B 230 0.85 -10.88 0.03
C TYR B 230 1.26 -12.12 0.82
N ARG B 231 2.57 -12.35 0.91
CA ARG B 231 3.06 -13.54 1.59
C ARG B 231 2.69 -13.52 3.08
N GLN B 232 2.70 -12.35 3.74
CA GLN B 232 2.34 -12.30 5.15
C GLN B 232 0.86 -12.59 5.36
N MET B 233 0.03 -11.97 4.51
CA MET B 233 -1.40 -12.18 4.58
C MET B 233 -1.74 -13.64 4.31
N ARG B 234 -1.02 -14.25 3.35
CA ARG B 234 -1.30 -15.66 3.02
C ARG B 234 -0.88 -16.56 4.17
N ALA B 235 0.23 -16.23 4.83
CA ALA B 235 0.78 -17.11 5.87
C ALA B 235 -0.13 -17.10 7.08
N ASP B 236 -0.87 -16.01 7.26
CA ASP B 236 -1.56 -15.79 8.51
C ASP B 236 -2.64 -16.86 8.74
N GLY B 237 -2.48 -17.62 9.83
CA GLY B 237 -3.41 -18.68 10.19
C GLY B 237 -3.02 -20.05 9.62
N GLU B 238 -2.09 -20.12 8.65
CA GLU B 238 -1.89 -21.29 7.80
C GLU B 238 -1.14 -22.39 8.56
#